data_1JWT
#
_entry.id   1JWT
#
_cell.length_a   71.54
_cell.length_b   72.18
_cell.length_c   73.41
_cell.angle_alpha   90.
_cell.angle_beta   100.99
_cell.angle_gamma   90.0
#
_symmetry.space_group_name_H-M   'C 1 2 1'
#
loop_
_entity.id
_entity.type
_entity.pdbx_description
1 polymer Prothrombin
2 non-polymer '4-OXO-2-PHENYLMETHANESULFONYL-OCTAHYDRO-PYRROLO[1,2-A]PYRAZINE-6-CARBOXYLIC ACID [1-(N-HYDROXYCARBAMIMIDOYL)-PIPERIDIN-4-YLMETHYL]-AMIDE'
#
_entity_poly.entity_id   1
_entity_poly.type   'polypeptide(L)'
_entity_poly.pdbx_seq_one_letter_code
;TFGSGEADCGLRPLFEKKSLEDKTERELLESYIDGRIVEGSDAEIGMSPWQVMLFRKSPQELLCGASLISDRWVLTAAHC
LLYPPWDKNFTENDLLVRIGKHSRTRYERNIEKISMLEKIYIHPRYNWRENLDRDIALMKLKKPVAFSDYIHPVCLPDRE
TAASLLQAGYKGRVTGWGNLKETWTANVGKGQPSVLQVVNLPIVERPVCKDSTRIRITDNMFCAGYKPDEGKRGDACEGD
SGGPFVMKSPFNNRWYQMGIVSWGEGCDRDGKYGFYTHVFRLKKWIQKVIDQFGEDFEEIPEEYL
;
_entity_poly.pdbx_strand_id   A
#
# COMPACT_ATOMS: atom_id res chain seq x y z
N THR A 1 -9.41 -9.81 7.75
CA THR A 1 -10.77 -9.30 7.32
C THR A 1 -11.13 -7.79 7.56
N PHE A 2 -11.49 -7.46 8.85
CA PHE A 2 -12.31 -6.32 9.36
C PHE A 2 -11.70 -5.43 10.51
N GLY A 3 -12.60 -5.07 11.45
CA GLY A 3 -12.22 -4.77 12.86
C GLY A 3 -11.05 -5.51 13.52
N SER A 4 -10.01 -4.64 13.74
CA SER A 4 -8.59 -5.12 13.78
C SER A 4 -8.26 -6.44 13.03
N GLY A 5 -8.14 -6.26 11.69
CA GLY A 5 -7.48 -7.37 10.98
C GLY A 5 -8.08 -8.79 11.04
N GLU A 6 -7.48 -9.68 11.86
CA GLU A 6 -7.39 -11.15 11.64
C GLU A 6 -7.00 -11.92 12.89
N ALA A 7 -6.83 -13.22 12.73
CA ALA A 7 -6.22 -13.85 13.89
C ALA A 7 -4.73 -13.45 14.06
N ASP A 8 -4.09 -13.56 12.90
CA ASP A 8 -2.61 -13.59 12.87
C ASP A 8 -1.98 -12.32 12.29
N CYS A 9 -2.87 -11.29 12.14
CA CYS A 9 -2.50 -10.17 11.23
C CYS A 9 -1.27 -9.36 11.58
N GLY A 10 -0.55 -8.88 10.58
CA GLY A 10 0.57 -8.04 10.91
C GLY A 10 1.82 -8.55 11.64
N LEU A 11 1.83 -9.83 12.05
CA LEU A 11 3.11 -10.43 12.46
C LEU A 11 3.85 -11.21 11.37
N ARG A 12 4.97 -10.66 10.89
CA ARG A 12 5.47 -11.40 9.72
C ARG A 12 6.03 -12.79 9.99
N PRO A 13 5.71 -13.77 9.10
CA PRO A 13 6.28 -15.08 9.39
C PRO A 13 7.82 -15.07 9.50
N LEU A 14 8.47 -14.17 8.75
CA LEU A 14 9.93 -14.34 8.80
C LEU A 14 10.76 -13.59 9.88
N PHE A 15 10.07 -12.68 10.59
CA PHE A 15 10.68 -11.71 11.54
C PHE A 15 10.08 -11.68 12.97
N GLU A 16 9.01 -10.89 13.20
CA GLU A 16 8.25 -11.02 14.44
C GLU A 16 7.99 -12.45 14.95
N LYS A 17 7.62 -13.27 13.98
CA LYS A 17 7.34 -14.70 14.26
C LYS A 17 8.54 -15.62 14.60
N LYS A 18 9.74 -15.12 14.25
CA LYS A 18 10.97 -15.81 14.68
C LYS A 18 11.88 -14.99 15.55
N SER A 19 11.38 -13.80 15.94
CA SER A 19 12.14 -12.74 16.64
C SER A 19 13.32 -12.02 16.01
N LEU A 20 13.21 -12.03 14.68
CA LEU A 20 14.16 -11.20 13.95
C LEU A 20 13.60 -9.83 13.61
N GLU A 21 14.44 -8.83 13.78
CA GLU A 21 13.98 -7.52 13.31
C GLU A 21 14.33 -7.30 11.83
N ASP A 22 13.62 -6.42 11.06
CA ASP A 22 14.14 -6.01 9.74
C ASP A 22 14.99 -4.79 9.70
N LYS A 23 15.96 -4.75 8.81
CA LYS A 23 17.01 -3.80 9.18
C LYS A 23 16.71 -2.35 8.96
N THR A 24 15.43 -1.96 8.92
CA THR A 24 15.11 -0.58 9.31
C THR A 24 13.96 -0.35 10.29
N GLU A 25 13.33 -1.37 10.91
CA GLU A 25 12.41 -1.17 12.08
C GLU A 25 12.84 -0.18 13.13
N ARG A 26 13.87 -0.45 13.98
CA ARG A 26 14.51 0.69 14.68
C ARG A 26 14.23 2.16 14.18
N GLU A 27 14.57 2.51 12.93
CA GLU A 27 14.24 3.89 12.49
C GLU A 27 12.79 4.26 12.68
N LEU A 28 11.96 3.32 12.24
CA LEU A 28 10.54 3.54 12.56
C LEU A 28 10.26 3.78 14.02
N LEU A 29 10.33 2.70 14.82
CA LEU A 29 9.93 2.78 16.24
C LEU A 29 10.54 3.96 16.96
N GLU A 30 11.76 4.26 16.54
CA GLU A 30 12.43 5.43 17.11
C GLU A 30 11.70 6.74 16.86
N SER A 31 11.02 6.80 15.71
CA SER A 31 10.16 7.97 15.61
C SER A 31 9.03 8.00 16.57
N TYR A 32 8.54 6.84 16.90
CA TYR A 32 7.39 6.86 17.83
C TYR A 32 7.76 7.04 19.29
N ILE A 33 8.76 7.93 19.55
CA ILE A 33 9.56 8.08 20.81
C ILE A 33 9.86 6.80 21.74
N ASP A 34 10.79 5.96 21.15
CA ASP A 34 10.93 4.42 21.07
C ASP A 34 9.72 3.38 20.76
N GLY A 35 9.76 2.11 21.29
CA GLY A 35 9.08 0.89 20.77
C GLY A 35 8.18 0.04 21.70
N ARG A 36 8.63 -1.21 21.90
CA ARG A 36 8.10 -1.89 23.10
C ARG A 36 8.58 -1.20 24.43
N ILE A 37 9.02 3.79 -6.11
CA ILE A 37 9.76 4.38 -4.95
C ILE A 37 11.07 5.15 -5.25
N VAL A 38 11.06 6.47 -5.12
CA VAL A 38 12.38 7.12 -5.26
C VAL A 38 13.28 6.95 -4.05
N GLU A 39 14.64 6.89 -4.19
CA GLU A 39 15.54 6.94 -3.00
C GLU A 39 15.23 6.12 -1.73
N GLY A 40 14.70 4.92 -1.98
CA GLY A 40 14.68 4.01 -0.84
C GLY A 40 15.31 2.75 -1.31
N SER A 41 16.08 2.04 -0.46
CA SER A 41 16.73 0.80 -0.97
C SER A 41 15.88 -0.50 -1.00
N ASP A 42 16.39 -1.51 -1.73
CA ASP A 42 15.88 -2.87 -1.88
C ASP A 42 15.25 -3.54 -0.67
N ALA A 43 14.14 -4.25 -0.89
CA ALA A 43 13.46 -4.95 0.21
C ALA A 43 13.89 -6.36 0.62
N GLU A 44 13.76 -6.67 1.93
CA GLU A 44 14.17 -8.03 2.31
C GLU A 44 13.16 -9.12 2.07
N ILE A 45 13.72 -10.28 1.84
CA ILE A 45 12.82 -11.35 1.44
C ILE A 45 11.88 -11.67 2.57
N GLY A 46 10.58 -11.57 2.31
CA GLY A 46 9.75 -11.89 3.49
C GLY A 46 9.28 -10.75 4.38
N MET A 47 9.94 -9.58 4.20
CA MET A 47 9.68 -8.29 4.89
C MET A 47 8.34 -7.55 4.68
N SER A 48 7.74 -7.86 3.50
CA SER A 48 6.43 -7.27 3.10
C SER A 48 5.29 -8.19 2.67
N PRO A 49 4.86 -9.18 3.47
CA PRO A 49 3.93 -10.21 3.02
C PRO A 49 2.57 -9.85 2.41
N TRP A 50 1.98 -8.81 2.97
CA TRP A 50 0.77 -8.14 2.47
C TRP A 50 0.81 -7.50 1.08
N GLN A 51 2.01 -7.12 0.62
CA GLN A 51 2.04 -6.59 -0.73
C GLN A 51 1.54 -7.46 -1.88
N VAL A 52 0.49 -6.91 -2.50
CA VAL A 52 0.08 -7.36 -3.83
C VAL A 52 0.60 -6.54 -5.06
N MET A 53 0.82 -7.27 -6.13
CA MET A 53 1.00 -6.58 -7.39
C MET A 53 -0.25 -6.50 -8.18
N LEU A 54 -0.55 -5.31 -8.67
CA LEU A 54 -1.82 -5.34 -9.41
C LEU A 54 -1.70 -5.45 -10.96
N PHE A 55 -2.09 -6.60 -11.48
CA PHE A 55 -1.63 -6.93 -12.80
C PHE A 55 -2.62 -6.84 -13.93
N ARG A 56 -2.06 -6.45 -15.06
CA ARG A 56 -2.92 -6.39 -16.25
C ARG A 56 -2.88 -7.61 -17.18
N LYS A 57 -4.05 -8.24 -17.29
CA LYS A 57 -4.15 -9.27 -18.36
C LYS A 57 -3.73 -8.85 -19.78
N SER A 58 -4.50 -7.90 -20.38
CA SER A 58 -3.96 -7.44 -21.70
C SER A 58 -3.91 -5.95 -22.08
N PRO A 59 -2.66 -5.53 -22.52
CA PRO A 59 -1.43 -6.35 -22.43
C PRO A 59 -1.02 -6.78 -20.99
N GLN A 60 0.14 -7.46 -20.88
CA GLN A 60 0.55 -7.98 -19.56
C GLN A 60 1.37 -6.99 -18.69
N GLU A 61 0.69 -5.95 -18.18
CA GLU A 61 1.58 -5.03 -17.45
C GLU A 61 1.45 -5.01 -15.91
N LEU A 62 2.18 -4.11 -15.20
CA LEU A 62 1.95 -3.76 -13.77
C LEU A 62 1.21 -2.42 -13.51
N LEU A 63 -0.07 -2.45 -13.09
CA LEU A 63 -0.66 -1.11 -13.11
C LEU A 63 -0.69 -0.29 -11.81
N CYS A 64 -0.43 -1.04 -10.73
CA CYS A 64 -0.37 -0.59 -9.34
C CYS A 64 0.28 -1.55 -8.32
N GLY A 65 0.33 -1.06 -7.10
CA GLY A 65 0.26 -2.01 -5.99
C GLY A 65 -1.07 -2.10 -5.18
N ALA A 66 -0.94 -2.85 -4.08
CA ALA A 66 -2.13 -3.05 -3.26
C ALA A 66 -1.77 -3.65 -1.95
N SER A 67 -2.76 -3.73 -1.06
CA SER A 67 -2.53 -4.67 0.04
C SER A 67 -3.59 -5.69 0.41
N LEU A 68 -3.07 -6.67 1.15
CA LEU A 68 -3.81 -7.87 1.48
C LEU A 68 -4.33 -7.88 2.89
N ILE A 69 -5.64 -8.13 3.08
CA ILE A 69 -6.22 -7.92 4.41
C ILE A 69 -7.01 -9.06 5.06
N SER A 70 -7.53 -10.00 4.25
CA SER A 70 -7.76 -11.35 4.80
C SER A 70 -7.53 -12.33 3.71
N ASP A 71 -7.81 -13.63 3.90
CA ASP A 71 -7.63 -14.49 2.72
C ASP A 71 -8.36 -14.25 1.38
N ARG A 72 -9.54 -13.58 1.42
CA ARG A 72 -10.15 -13.07 0.16
C ARG A 72 -10.44 -11.59 -0.14
N TRP A 73 -9.67 -10.70 0.45
CA TRP A 73 -9.78 -9.30 0.06
C TRP A 73 -8.40 -8.71 -0.10
N VAL A 74 -8.31 -7.97 -1.18
CA VAL A 74 -7.26 -6.99 -1.37
C VAL A 74 -7.84 -5.55 -1.21
N LEU A 75 -6.91 -4.61 -1.15
CA LEU A 75 -7.28 -3.22 -0.99
C LEU A 75 -6.35 -2.32 -1.75
N THR A 76 -6.97 -1.56 -2.62
CA THR A 76 -6.10 -0.73 -3.41
C THR A 76 -6.59 0.69 -3.41
N ALA A 77 -5.92 1.48 -4.22
CA ALA A 77 -6.40 2.84 -4.37
C ALA A 77 -7.42 2.80 -5.41
N ALA A 78 -8.41 3.68 -5.28
CA ALA A 78 -9.49 3.52 -6.26
C ALA A 78 -9.22 3.91 -7.68
N HIS A 79 -8.19 4.75 -7.83
CA HIS A 79 -7.79 5.17 -9.16
C HIS A 79 -6.91 4.18 -9.88
N CYS A 80 -6.60 3.09 -9.18
CA CYS A 80 -6.01 2.02 -10.00
C CYS A 80 -6.92 1.49 -11.10
N LEU A 81 -8.22 1.47 -10.72
CA LEU A 81 -9.39 0.85 -11.41
C LEU A 81 -10.20 1.74 -12.36
N LEU A 82 -11.05 2.57 -11.77
CA LEU A 82 -11.67 3.72 -12.45
C LEU A 82 -10.82 5.04 -12.33
N TYR A 83 -10.91 5.86 -13.39
CA TYR A 83 -10.18 7.13 -13.57
C TYR A 83 -10.44 7.88 -14.88
N PRO A 84 -11.66 8.35 -15.13
CA PRO A 84 -11.94 8.72 -16.52
C PRO A 84 -11.35 9.97 -17.17
N PRO A 85 -10.61 10.89 -16.52
CA PRO A 85 -9.78 11.75 -17.39
C PRO A 85 -8.81 11.00 -18.34
N TRP A 86 -8.09 9.99 -17.79
CA TRP A 86 -7.16 9.20 -18.63
C TRP A 86 -7.75 7.85 -19.05
N ASP A 87 -8.89 7.89 -19.75
CA ASP A 87 -9.67 6.71 -20.08
C ASP A 87 -9.64 5.36 -19.35
N LYS A 88 -9.45 5.37 -18.02
CA LYS A 88 -9.32 4.14 -17.20
C LYS A 88 -10.61 3.71 -16.49
N ASN A 89 -11.17 2.54 -16.87
CA ASN A 89 -12.30 1.86 -16.15
C ASN A 89 -12.02 0.40 -16.33
N PHE A 90 -10.95 -0.10 -15.61
CA PHE A 90 -10.60 -1.55 -15.55
C PHE A 90 -11.54 -2.48 -14.80
N THR A 91 -11.29 -3.79 -14.98
CA THR A 91 -12.36 -4.69 -14.53
C THR A 91 -11.98 -6.13 -14.17
N GLU A 92 -12.99 -6.80 -13.66
CA GLU A 92 -12.78 -8.12 -13.07
C GLU A 92 -12.25 -9.26 -13.93
N ASN A 93 -11.92 -8.97 -15.20
CA ASN A 93 -11.34 -9.98 -16.12
C ASN A 93 -10.05 -9.62 -16.83
N ASP A 94 -9.85 -8.34 -16.99
CA ASP A 94 -8.54 -7.86 -17.46
C ASP A 94 -7.56 -7.47 -16.39
N LEU A 95 -8.10 -7.58 -15.17
CA LEU A 95 -7.30 -7.69 -13.95
C LEU A 95 -6.95 -9.05 -13.44
N LEU A 96 -5.64 -9.11 -13.20
CA LEU A 96 -5.02 -10.20 -12.47
C LEU A 96 -4.33 -9.89 -11.13
N VAL A 97 -4.20 -10.86 -10.22
CA VAL A 97 -3.54 -10.44 -8.99
C VAL A 97 -2.39 -11.29 -8.48
N ARG A 98 -1.21 -10.69 -8.49
CA ARG A 98 -0.05 -11.48 -8.06
C ARG A 98 0.40 -11.26 -6.59
N ILE A 99 0.32 -12.29 -5.73
CA ILE A 99 0.80 -12.17 -4.33
C ILE A 99 1.95 -13.15 -3.92
N GLY A 100 2.92 -12.72 -3.09
CA GLY A 100 4.09 -13.60 -2.83
C GLY A 100 5.42 -13.06 -3.38
N LYS A 101 5.24 -12.08 -4.25
CA LYS A 101 6.37 -11.61 -5.01
C LYS A 101 7.42 -10.78 -4.33
N HIS A 102 8.47 -10.70 -5.11
CA HIS A 102 9.59 -9.86 -4.75
C HIS A 102 10.19 -9.16 -5.96
N SER A 103 10.60 -10.02 -6.91
CA SER A 103 10.93 -9.51 -8.24
C SER A 103 9.78 -8.76 -8.87
N ARG A 104 10.06 -7.59 -9.41
CA ARG A 104 9.11 -6.93 -10.35
C ARG A 104 8.64 -7.80 -11.54
N THR A 105 9.61 -8.50 -12.12
CA THR A 105 9.45 -8.97 -13.50
C THR A 105 9.32 -10.48 -13.78
N ARG A 106 9.78 -11.24 -12.78
CA ARG A 106 9.83 -12.67 -13.00
C ARG A 106 8.64 -13.45 -12.52
N TYR A 107 8.37 -14.52 -13.21
CA TYR A 107 7.43 -15.45 -12.62
C TYR A 107 8.00 -16.47 -11.59
N GLU A 108 7.78 -16.08 -10.34
CA GLU A 108 8.56 -16.59 -9.24
C GLU A 108 8.18 -17.92 -8.71
N ARG A 109 8.78 -18.85 -9.47
CA ARG A 109 8.09 -20.11 -9.72
C ARG A 109 7.46 -20.80 -8.61
N ASN A 110 8.26 -21.13 -7.59
CA ASN A 110 7.49 -21.89 -6.56
C ASN A 110 6.74 -21.12 -5.41
N ILE A 111 6.94 -19.76 -5.48
CA ILE A 111 6.64 -18.82 -4.37
C ILE A 111 5.56 -17.68 -4.45
N GLU A 112 5.45 -16.96 -5.57
CA GLU A 112 4.17 -16.25 -5.72
C GLU A 112 2.97 -17.14 -6.02
N LYS A 113 1.78 -16.62 -5.71
CA LYS A 113 0.47 -17.05 -6.19
C LYS A 113 -0.29 -16.04 -7.08
N ILE A 114 -1.13 -16.59 -7.96
CA ILE A 114 -1.78 -15.65 -8.86
C ILE A 114 -3.29 -15.79 -8.75
N SER A 115 -3.91 -14.75 -8.19
CA SER A 115 -5.35 -14.91 -8.21
C SER A 115 -6.01 -14.07 -9.21
N MET A 116 -7.12 -14.58 -9.64
CA MET A 116 -8.08 -13.68 -10.29
C MET A 116 -9.17 -13.36 -9.29
N LEU A 117 -9.93 -12.30 -9.65
CA LEU A 117 -10.93 -11.64 -8.78
C LEU A 117 -12.28 -11.76 -9.37
N GLU A 118 -13.25 -11.73 -8.42
CA GLU A 118 -14.71 -12.04 -8.56
C GLU A 118 -15.64 -10.82 -8.64
N LYS A 119 -15.31 -9.91 -7.71
CA LYS A 119 -15.87 -8.57 -7.69
C LYS A 119 -14.84 -7.47 -7.30
N ILE A 120 -14.94 -6.32 -7.96
CA ILE A 120 -14.36 -4.99 -7.62
C ILE A 120 -15.42 -4.10 -6.95
N TYR A 121 -15.03 -3.56 -5.81
CA TYR A 121 -15.87 -2.51 -5.25
C TYR A 121 -15.11 -1.22 -5.05
N ILE A 122 -15.78 -0.18 -5.52
CA ILE A 122 -15.18 1.17 -5.44
C ILE A 122 -15.94 2.06 -4.46
N HIS A 123 -15.29 2.89 -3.62
CA HIS A 123 -16.11 3.81 -2.83
C HIS A 123 -17.00 4.59 -3.77
N PRO A 124 -18.36 4.47 -3.55
CA PRO A 124 -19.33 5.24 -4.36
C PRO A 124 -19.31 6.73 -4.26
N ARG A 125 -18.56 7.24 -3.28
CA ARG A 125 -18.23 8.67 -3.31
C ARG A 125 -16.76 9.11 -3.58
N TYR A 126 -16.02 8.34 -4.40
CA TYR A 126 -14.65 8.84 -4.60
C TYR A 126 -14.54 9.99 -5.54
N ASN A 127 -14.08 11.11 -5.03
CA ASN A 127 -14.10 12.25 -5.92
C ASN A 127 -12.98 12.23 -6.94
N TRP A 128 -13.27 11.60 -8.10
CA TRP A 128 -12.33 11.64 -9.25
C TRP A 128 -12.33 12.86 -10.11
N ARG A 129 -13.44 13.56 -9.99
CA ARG A 129 -13.53 14.87 -10.62
C ARG A 129 -12.74 15.93 -9.92
N GLU A 130 -12.75 15.82 -8.61
CA GLU A 130 -12.24 17.10 -8.10
C GLU A 130 -10.85 17.09 -7.55
N ASN A 131 -10.71 16.15 -6.62
CA ASN A 131 -9.48 16.04 -5.87
C ASN A 131 -9.12 14.63 -5.39
N LEU A 132 -9.52 13.56 -6.07
CA LEU A 132 -9.45 12.25 -5.39
C LEU A 132 -9.85 12.11 -3.88
N ASP A 133 -10.82 12.91 -3.43
CA ASP A 133 -11.43 12.60 -2.13
C ASP A 133 -11.90 11.13 -2.04
N ARG A 134 -11.41 10.33 -1.10
CA ARG A 134 -11.91 8.94 -0.96
C ARG A 134 -11.52 7.84 -1.94
N ASP A 135 -10.32 7.99 -2.53
CA ASP A 135 -9.52 6.96 -3.25
C ASP A 135 -9.18 5.61 -2.55
N ILE A 136 -10.16 4.74 -2.51
CA ILE A 136 -9.93 3.42 -1.95
C ILE A 136 -10.86 2.41 -2.59
N ALA A 137 -10.39 1.17 -2.80
CA ALA A 137 -11.28 0.18 -3.41
C ALA A 137 -10.89 -1.14 -2.97
N LEU A 138 -11.79 -1.80 -2.25
CA LEU A 138 -11.50 -3.24 -2.14
C LEU A 138 -11.79 -4.05 -3.37
N MET A 139 -10.97 -5.07 -3.55
CA MET A 139 -11.25 -6.11 -4.56
C MET A 139 -11.38 -7.44 -3.89
N LYS A 140 -12.39 -8.21 -4.26
CA LYS A 140 -12.41 -9.60 -3.78
C LYS A 140 -11.99 -10.80 -4.66
N LEU A 141 -11.47 -11.79 -3.96
CA LEU A 141 -10.64 -12.69 -4.77
C LEU A 141 -11.32 -14.00 -5.08
N LYS A 142 -10.91 -14.64 -6.19
CA LYS A 142 -11.70 -15.80 -6.54
C LYS A 142 -11.56 -17.08 -5.74
N LYS A 143 -10.34 -17.59 -5.50
CA LYS A 143 -10.45 -18.45 -4.32
C LYS A 143 -9.66 -17.86 -3.22
N PRO A 144 -10.06 -18.09 -1.92
CA PRO A 144 -9.19 -17.70 -0.81
C PRO A 144 -7.72 -17.99 -1.07
N VAL A 145 -6.86 -17.01 -0.91
CA VAL A 145 -5.50 -17.51 -1.02
C VAL A 145 -5.05 -18.15 0.28
N ALA A 146 -3.75 -18.53 0.29
CA ALA A 146 -3.22 -19.29 1.45
C ALA A 146 -1.71 -19.22 1.69
N PHE A 147 -1.42 -18.93 2.99
CA PHE A 147 -0.23 -18.24 3.54
C PHE A 147 1.02 -19.03 3.70
N SER A 148 2.12 -18.32 3.49
CA SER A 148 3.42 -18.98 3.65
C SER A 148 4.34 -18.11 4.44
N ASP A 149 5.62 -18.29 4.23
CA ASP A 149 6.34 -17.17 4.84
C ASP A 149 6.30 -15.81 4.11
N TYR A 150 5.99 -15.94 2.82
CA TYR A 150 6.10 -14.77 1.96
C TYR A 150 4.85 -13.96 1.79
N ILE A 151 3.77 -14.64 2.23
CA ILE A 151 2.34 -14.27 2.03
C ILE A 151 1.48 -14.32 3.31
N HIS A 152 1.01 -13.13 3.75
CA HIS A 152 0.46 -12.83 5.11
C HIS A 152 -0.30 -11.48 5.13
N PRO A 153 -1.40 -11.32 5.87
CA PRO A 153 -2.13 -10.04 5.85
C PRO A 153 -1.67 -8.93 6.78
N VAL A 154 -2.03 -7.68 6.43
CA VAL A 154 -1.77 -6.57 7.35
C VAL A 154 -2.89 -6.38 8.33
N CYS A 155 -2.57 -5.83 9.48
CA CYS A 155 -3.73 -5.36 10.24
C CYS A 155 -4.39 -4.03 9.83
N LEU A 156 -5.70 -3.93 9.94
CA LEU A 156 -6.24 -2.55 9.81
C LEU A 156 -6.38 -1.78 11.13
N PRO A 157 -6.37 -0.41 11.14
CA PRO A 157 -6.53 0.30 12.43
C PRO A 157 -7.86 0.12 13.23
N ASP A 158 -7.69 0.09 14.54
CA ASP A 158 -8.78 0.29 15.53
C ASP A 158 -8.67 1.75 16.04
N ARG A 159 -9.76 2.35 16.59
CA ARG A 159 -9.67 3.83 16.61
C ARG A 159 -8.47 4.45 17.33
N GLU A 160 -8.05 3.67 18.29
CA GLU A 160 -6.98 3.98 19.22
C GLU A 160 -5.60 3.74 18.67
N THR A 161 -5.33 2.58 18.07
CA THR A 161 -4.04 2.51 17.33
C THR A 161 -3.85 3.58 16.26
N ALA A 162 -4.94 4.00 15.60
CA ALA A 162 -4.77 5.16 14.71
C ALA A 162 -4.58 6.45 15.49
N ALA A 163 -5.49 6.63 16.42
CA ALA A 163 -5.35 7.80 17.27
C ALA A 163 -4.01 8.01 17.92
N SER A 164 -3.33 6.94 18.35
CA SER A 164 -2.02 7.16 18.98
C SER A 164 -0.76 6.92 18.19
N LEU A 165 -0.93 6.69 16.90
CA LEU A 165 0.19 6.59 15.99
C LEU A 165 0.19 7.53 14.80
N LEU A 166 -1.00 7.97 14.46
CA LEU A 166 -1.04 8.98 13.44
C LEU A 166 -0.57 10.36 13.82
N GLN A 167 0.72 10.48 13.85
CA GLN A 167 1.22 11.76 14.33
C GLN A 167 2.51 12.22 13.71
N ALA A 168 2.57 13.52 13.66
CA ALA A 168 3.48 14.05 12.69
C ALA A 168 4.88 14.13 13.28
N GLY A 169 5.87 13.68 12.48
CA GLY A 169 7.21 13.35 13.03
C GLY A 169 7.59 11.87 13.00
N TYR A 170 6.46 11.13 13.02
CA TYR A 170 6.38 9.65 12.94
C TYR A 170 6.57 8.97 11.64
N LYS A 171 7.29 7.90 11.78
CA LYS A 171 7.54 7.35 10.50
C LYS A 171 6.61 6.21 10.18
N GLY A 172 6.39 6.16 8.90
CA GLY A 172 5.85 4.93 8.36
C GLY A 172 6.65 4.54 7.17
N ARG A 173 6.08 3.58 6.54
CA ARG A 173 6.90 3.01 5.51
C ARG A 173 6.06 2.74 4.33
N VAL A 174 6.58 3.15 3.19
CA VAL A 174 5.97 2.78 1.92
C VAL A 174 6.63 1.70 1.04
N THR A 175 5.82 1.05 0.22
CA THR A 175 6.42 0.02 -0.64
C THR A 175 5.89 -0.09 -2.08
N GLY A 176 6.86 -0.38 -2.89
CA GLY A 176 6.40 -0.49 -4.26
C GLY A 176 7.44 -1.08 -5.16
N TRP A 177 6.96 -1.38 -6.37
CA TRP A 177 7.82 -1.72 -7.51
C TRP A 177 7.78 -0.66 -8.58
N GLY A 178 7.33 0.51 -8.20
CA GLY A 178 7.23 1.44 -9.30
C GLY A 178 8.40 2.38 -9.29
N ASN A 179 8.32 3.29 -10.25
CA ASN A 179 9.52 4.00 -10.63
C ASN A 179 10.42 4.53 -9.52
N LEU A 180 11.74 4.44 -9.84
CA LEU A 180 12.91 4.83 -9.01
C LEU A 180 13.30 6.29 -8.95
N LYS A 181 12.83 6.96 -9.99
CA LYS A 181 13.27 8.31 -10.36
C LYS A 181 12.10 8.97 -11.14
N GLU A 182 11.70 10.24 -10.87
CA GLU A 182 10.53 10.78 -11.63
C GLU A 182 10.48 10.60 -13.17
N THR A 183 11.44 11.24 -13.84
CA THR A 183 11.44 11.03 -15.32
C THR A 183 12.82 10.73 -15.98
N TRP A 184 12.78 10.30 -17.27
CA TRP A 184 14.00 9.88 -18.02
C TRP A 184 13.78 9.55 -19.50
N GLY A 191 15.33 5.22 -13.02
CA GLY A 191 15.03 3.93 -13.66
C GLY A 191 13.69 3.22 -13.37
N GLN A 192 13.77 1.90 -13.70
CA GLN A 192 12.96 0.81 -13.06
C GLN A 192 13.72 -0.28 -12.19
N PRO A 193 13.07 -0.72 -11.05
CA PRO A 193 13.74 -1.61 -10.07
C PRO A 193 13.67 -3.12 -10.32
N SER A 194 14.73 -3.87 -9.96
CA SER A 194 14.40 -5.32 -10.01
C SER A 194 13.61 -5.86 -8.86
N VAL A 195 13.70 -5.09 -7.82
CA VAL A 195 13.23 -5.60 -6.53
C VAL A 195 12.27 -4.59 -5.81
N LEU A 196 11.21 -5.19 -5.23
CA LEU A 196 10.33 -4.39 -4.35
C LEU A 196 11.16 -3.52 -3.39
N GLN A 197 10.82 -2.23 -3.45
CA GLN A 197 11.52 -1.20 -2.69
C GLN A 197 10.67 -0.65 -1.56
N VAL A 198 11.36 -0.46 -0.43
CA VAL A 198 10.77 0.16 0.77
C VAL A 198 11.38 1.50 1.03
N VAL A 199 10.51 2.44 1.41
CA VAL A 199 11.08 3.65 2.02
C VAL A 199 10.41 3.99 3.31
N ASN A 200 11.20 4.53 4.23
CA ASN A 200 10.51 4.99 5.43
C ASN A 200 10.39 6.50 5.51
N LEU A 201 9.16 6.99 5.32
CA LEU A 201 8.92 8.44 5.33
C LEU A 201 8.12 8.82 6.54
N PRO A 202 8.25 10.07 6.99
CA PRO A 202 7.56 10.65 8.14
C PRO A 202 6.26 11.22 7.81
N ILE A 203 5.30 11.18 8.74
CA ILE A 203 4.05 11.93 8.62
C ILE A 203 4.26 13.42 8.81
N VAL A 204 3.69 14.22 7.92
CA VAL A 204 3.97 15.67 7.99
C VAL A 204 2.75 16.50 8.43
N GLU A 205 3.01 17.62 9.13
CA GLU A 205 1.94 18.41 9.78
C GLU A 205 0.79 19.08 8.91
N ARG A 206 -0.50 18.81 9.22
CA ARG A 206 -1.63 19.26 8.32
C ARG A 206 -1.73 20.62 7.65
N PRO A 207 -1.34 21.74 8.37
CA PRO A 207 -0.78 22.98 7.77
C PRO A 207 0.18 22.73 6.64
N VAL A 208 1.52 22.67 6.92
CA VAL A 208 2.53 22.11 5.95
C VAL A 208 2.11 21.38 4.66
N CYS A 209 1.27 20.35 4.82
CA CYS A 209 0.72 19.74 3.61
C CYS A 209 -0.05 20.72 2.77
N LYS A 210 -1.14 21.23 3.33
CA LYS A 210 -2.00 22.25 2.72
C LYS A 210 -1.34 23.54 2.13
N ASP A 211 -0.34 24.08 2.85
CA ASP A 211 0.50 25.12 2.20
C ASP A 211 1.34 24.69 0.99
N SER A 212 1.30 23.41 0.60
CA SER A 212 2.28 22.97 -0.44
C SER A 212 1.72 22.67 -1.83
N THR A 213 0.45 22.31 -1.78
CA THR A 213 -0.26 22.22 -3.05
C THR A 213 -1.46 23.17 -3.24
N ARG A 214 -1.93 23.32 -4.48
CA ARG A 214 -3.17 24.06 -4.78
C ARG A 214 -4.41 23.25 -4.74
N ILE A 215 -4.20 21.92 -4.65
CA ILE A 215 -5.37 21.06 -4.47
C ILE A 215 -6.21 21.42 -3.18
N ARG A 216 -7.55 21.21 -3.18
CA ARG A 216 -8.17 21.20 -1.82
C ARG A 216 -8.07 19.89 -0.98
N ILE A 217 -7.06 19.93 -0.09
CA ILE A 217 -6.83 18.74 0.73
C ILE A 217 -7.97 18.53 1.71
N THR A 218 -8.69 17.39 1.54
CA THR A 218 -9.73 16.98 2.50
C THR A 218 -9.24 16.36 3.77
N ASP A 219 -10.21 15.89 4.56
CA ASP A 219 -9.93 15.14 5.79
C ASP A 219 -9.73 13.64 5.57
N ASN A 220 -9.82 13.14 4.34
CA ASN A 220 -9.53 11.73 4.21
C ASN A 220 -8.17 11.59 3.61
N MET A 221 -7.33 12.55 3.91
CA MET A 221 -5.95 12.45 3.46
C MET A 221 -4.91 12.78 4.58
N PHE A 222 -3.76 12.16 4.46
CA PHE A 222 -2.59 12.62 5.17
C PHE A 222 -1.39 12.66 4.25
N CYS A 223 -0.37 13.41 4.61
CA CYS A 223 0.73 13.38 3.68
C CYS A 223 2.01 13.06 4.33
N ALA A 224 2.88 12.55 3.53
CA ALA A 224 4.07 12.19 4.21
C ALA A 224 5.20 12.50 3.32
N GLY A 225 6.35 12.56 3.95
CA GLY A 225 7.42 13.14 3.16
C GLY A 225 8.35 13.81 4.13
N TYR A 226 9.66 13.88 3.77
CA TYR A 226 10.60 14.73 4.55
C TYR A 226 10.60 16.17 4.03
N LYS A 227 11.09 17.16 4.84
CA LYS A 227 10.97 18.56 4.36
C LYS A 227 12.16 19.03 3.53
N PRO A 228 12.19 20.26 2.87
CA PRO A 228 13.49 20.67 2.35
C PRO A 228 14.58 20.71 3.46
N ASP A 229 14.46 21.52 4.58
CA ASP A 229 15.63 21.58 5.50
C ASP A 229 16.13 20.25 6.05
N GLU A 230 15.25 19.43 6.69
CA GLU A 230 15.58 18.05 7.20
C GLU A 230 16.67 17.12 6.52
N GLY A 231 17.13 17.46 5.27
CA GLY A 231 18.28 16.76 4.65
C GLY A 231 18.22 15.21 4.53
N LYS A 232 16.97 14.70 4.40
CA LYS A 232 16.66 13.29 4.06
C LYS A 232 15.69 13.30 2.88
N ARG A 233 15.80 12.23 2.06
CA ARG A 233 14.93 12.01 0.87
C ARG A 233 14.15 10.66 0.79
N GLY A 234 13.06 10.85 0.07
CA GLY A 234 12.02 9.87 0.10
C GLY A 234 10.70 10.43 -0.39
N ASP A 235 10.29 9.70 -1.43
CA ASP A 235 8.92 9.72 -1.88
C ASP A 235 8.59 8.35 -2.49
N ALA A 236 7.27 8.07 -2.57
CA ALA A 236 6.79 7.01 -3.44
C ALA A 236 6.81 7.55 -4.86
N CYS A 237 6.01 6.99 -5.84
CA CYS A 237 6.02 7.41 -7.28
C CYS A 237 5.28 6.47 -8.30
N GLU A 238 5.29 6.76 -9.64
CA GLU A 238 4.54 6.01 -10.69
C GLU A 238 4.51 4.42 -10.78
N GLY A 239 3.26 3.88 -10.65
CA GLY A 239 3.10 2.43 -10.39
C GLY A 239 3.15 1.90 -8.94
N ASP A 240 3.33 2.86 -7.97
CA ASP A 240 3.29 2.62 -6.49
C ASP A 240 1.92 2.73 -5.80
N SER A 241 1.08 3.49 -6.49
CA SER A 241 -0.30 3.68 -6.04
C SER A 241 -0.96 2.46 -5.46
N GLY A 242 -1.80 2.58 -4.45
CA GLY A 242 -2.32 1.29 -3.93
C GLY A 242 -1.52 0.72 -2.76
N GLY A 243 -0.23 0.65 -3.01
CA GLY A 243 0.66 0.14 -1.97
C GLY A 243 0.48 0.68 -0.57
N PRO A 244 0.80 -0.21 0.37
CA PRO A 244 0.51 0.11 1.76
C PRO A 244 1.54 1.03 2.39
N PHE A 245 1.06 2.19 2.92
CA PHE A 245 1.82 2.90 3.97
C PHE A 245 1.54 2.33 5.32
N VAL A 246 2.53 1.70 5.88
CA VAL A 246 2.31 1.07 7.18
C VAL A 246 3.15 1.59 8.31
N MET A 247 2.72 1.15 9.47
CA MET A 247 3.26 1.68 10.70
C MET A 247 3.12 0.53 11.68
N LYS A 248 4.21 0.24 12.43
CA LYS A 248 4.26 -0.89 13.39
C LYS A 248 3.90 -0.55 14.85
N SER A 249 2.76 -1.03 15.37
CA SER A 249 2.42 -0.67 16.78
C SER A 249 3.41 -0.99 17.89
N PRO A 250 3.80 0.05 18.61
CA PRO A 250 4.82 -0.16 19.64
C PRO A 250 4.30 -0.94 20.90
N PHE A 251 2.98 -0.89 20.96
CA PHE A 251 2.27 -1.65 21.93
C PHE A 251 2.20 -3.16 21.60
N ASN A 252 1.52 -3.57 20.52
CA ASN A 252 1.60 -5.04 20.39
C ASN A 252 2.88 -5.65 19.86
N ASN A 253 3.26 -4.89 18.82
CA ASN A 253 4.33 -5.17 17.87
C ASN A 253 3.88 -5.80 16.54
N ARG A 254 2.58 -5.52 16.24
CA ARG A 254 1.89 -5.73 14.94
C ARG A 254 1.85 -4.58 13.89
N TRP A 255 2.01 -4.85 12.57
CA TRP A 255 2.00 -3.73 11.62
C TRP A 255 0.62 -3.37 11.18
N TYR A 256 0.29 -2.10 11.04
CA TYR A 256 -1.02 -1.65 10.56
C TYR A 256 -1.06 -0.79 9.30
N GLN A 257 -2.00 -1.08 8.43
CA GLN A 257 -1.96 -0.21 7.27
C GLN A 257 -2.74 1.06 7.51
N MET A 258 -1.99 2.13 7.43
CA MET A 258 -2.69 3.35 7.81
C MET A 258 -2.94 4.34 6.70
N GLY A 259 -2.26 4.06 5.58
CA GLY A 259 -2.46 4.88 4.40
C GLY A 259 -2.44 3.97 3.23
N ILE A 260 -3.05 4.44 2.15
CA ILE A 260 -2.81 3.85 0.83
C ILE A 260 -2.06 4.85 -0.04
N VAL A 261 -1.02 4.47 -0.77
CA VAL A 261 -0.53 5.44 -1.76
C VAL A 261 -1.56 6.02 -2.73
N SER A 262 -1.72 7.35 -2.69
CA SER A 262 -2.74 8.00 -3.49
C SER A 262 -2.11 9.02 -4.41
N TRP A 263 -1.89 10.24 -3.96
CA TRP A 263 -1.34 11.16 -4.95
C TRP A 263 -0.29 12.16 -4.50
N GLY A 264 0.36 12.69 -5.51
CA GLY A 264 1.29 13.73 -5.18
C GLY A 264 1.61 14.59 -6.39
N GLU A 265 2.32 15.67 -6.16
CA GLU A 265 2.78 16.21 -7.44
C GLU A 265 4.22 15.91 -7.87
N GLY A 266 4.35 14.88 -8.74
CA GLY A 266 5.70 14.45 -9.14
C GLY A 266 6.42 13.59 -8.11
N CYS A 267 7.69 13.30 -8.34
CA CYS A 267 8.33 12.50 -7.27
C CYS A 267 9.60 13.05 -6.60
N ASP A 268 9.65 13.06 -5.24
CA ASP A 268 10.87 13.61 -4.57
C ASP A 268 11.30 15.02 -5.07
N ARG A 269 10.25 15.87 -5.12
CA ARG A 269 10.53 17.31 -5.22
C ARG A 269 10.32 18.16 -4.02
N ASP A 270 11.17 19.15 -3.97
CA ASP A 270 11.25 19.80 -2.66
C ASP A 270 10.06 20.71 -2.31
N GLY A 271 9.81 20.78 -1.01
CA GLY A 271 8.53 21.41 -0.67
C GLY A 271 7.25 20.71 -1.12
N LYS A 272 7.44 19.55 -1.73
CA LYS A 272 6.33 18.65 -2.01
C LYS A 272 6.42 17.26 -1.37
N TYR A 273 5.22 16.92 -0.94
CA TYR A 273 5.01 15.77 -0.10
C TYR A 273 3.90 14.88 -0.66
N GLY A 274 3.83 13.69 -0.09
CA GLY A 274 2.97 12.67 -0.69
C GLY A 274 1.64 12.30 0.01
N PHE A 275 0.61 12.06 -0.79
CA PHE A 275 -0.69 12.01 -0.15
C PHE A 275 -1.31 10.65 -0.15
N TYR A 276 -1.64 10.24 1.05
CA TYR A 276 -2.18 8.90 1.15
C TYR A 276 -3.66 8.93 1.56
N THR A 277 -4.42 7.88 1.20
CA THR A 277 -5.76 7.75 1.78
C THR A 277 -5.84 7.36 3.27
N HIS A 278 -6.58 8.16 4.06
CA HIS A 278 -6.63 7.80 5.50
C HIS A 278 -7.49 6.58 5.80
N VAL A 279 -6.83 5.41 5.74
CA VAL A 279 -7.52 4.11 5.77
C VAL A 279 -8.60 4.00 6.83
N PHE A 280 -8.16 4.51 8.01
CA PHE A 280 -9.05 4.55 9.17
C PHE A 280 -10.44 5.25 9.09
N ARG A 281 -10.45 6.40 8.40
CA ARG A 281 -11.75 7.05 8.28
C ARG A 281 -12.66 6.17 7.52
N LEU A 282 -12.12 5.98 6.31
CA LEU A 282 -12.70 4.93 5.51
C LEU A 282 -12.85 3.50 6.08
N LYS A 283 -12.21 3.23 7.23
CA LYS A 283 -12.61 1.95 7.84
C LYS A 283 -14.14 1.65 7.95
N LYS A 284 -14.92 2.71 8.25
CA LYS A 284 -16.37 2.40 8.39
C LYS A 284 -17.00 1.59 7.22
N TRP A 285 -16.62 2.01 6.00
CA TRP A 285 -17.16 1.36 4.79
C TRP A 285 -16.41 0.12 4.33
N ILE A 286 -15.15 -0.01 4.75
CA ILE A 286 -14.52 -1.28 4.42
C ILE A 286 -15.27 -2.43 5.08
N GLN A 287 -15.62 -2.14 6.33
CA GLN A 287 -16.31 -3.15 7.15
C GLN A 287 -17.62 -3.57 6.64
N LYS A 288 -18.45 -2.54 6.43
CA LYS A 288 -19.54 -2.69 5.46
C LYS A 288 -19.24 -3.62 4.26
N VAL A 289 -18.38 -3.19 3.31
CA VAL A 289 -18.29 -4.08 2.15
C VAL A 289 -17.76 -5.49 2.35
N ILE A 290 -17.13 -5.70 3.50
CA ILE A 290 -17.03 -7.10 3.98
C ILE A 290 -18.32 -7.84 4.57
N ASP A 291 -18.83 -7.29 5.67
CA ASP A 291 -19.81 -8.08 6.41
C ASP A 291 -21.24 -8.23 5.82
N GLN A 292 -21.47 -7.60 4.63
CA GLN A 292 -22.62 -7.93 3.73
C GLN A 292 -22.50 -9.13 2.73
N PHE A 293 -21.30 -9.17 2.18
CA PHE A 293 -21.10 -9.94 0.96
C PHE A 293 -20.00 -10.99 1.15
N GLY A 294 -20.15 -11.66 2.28
CA GLY A 294 -18.90 -11.83 3.03
C GLY A 294 -17.78 -12.82 2.60
N GLU A 295 -17.47 -13.55 3.72
CA GLU A 295 -16.54 -14.64 4.17
C GLU A 295 -16.16 -14.41 5.71
N ASP A 296 11.50 -8.13 -21.08
CA ASP A 296 11.30 -7.64 -19.69
C ASP A 296 10.44 -8.51 -18.77
N PHE A 297 9.13 -8.19 -18.73
CA PHE A 297 8.24 -9.26 -18.16
C PHE A 297 8.55 -10.75 -18.53
N GLU A 298 8.68 -11.61 -17.53
CA GLU A 298 8.57 -13.04 -17.81
C GLU A 298 7.11 -13.48 -17.97
N GLU A 299 7.01 -14.52 -18.80
CA GLU A 299 5.76 -15.14 -19.25
C GLU A 299 4.87 -15.98 -18.29
N ILE A 300 3.81 -15.35 -17.74
CA ILE A 300 3.11 -16.14 -16.71
C ILE A 300 2.41 -17.38 -17.28
N PRO A 301 1.90 -18.33 -16.45
CA PRO A 301 1.04 -19.39 -17.03
C PRO A 301 -0.40 -19.00 -17.50
N GLU A 302 -0.73 -19.40 -18.76
CA GLU A 302 -2.16 -19.47 -19.16
C GLU A 302 -3.16 -20.15 -18.20
N GLU A 303 -2.65 -21.05 -17.36
CA GLU A 303 -3.59 -21.64 -16.37
C GLU A 303 -4.41 -20.67 -15.54
N TYR A 304 -3.63 -19.64 -15.10
CA TYR A 304 -4.02 -18.39 -14.42
C TYR A 304 -4.44 -17.19 -15.38
N LEU A 305 -4.34 -17.37 -16.74
CA LEU A 305 -4.61 -16.20 -17.63
C LEU A 305 -6.02 -15.91 -18.14
#